data_8TJX
#
_entry.id   8TJX
#
_cell.length_a   1.00
_cell.length_b   1.00
_cell.length_c   1.00
_cell.angle_alpha   90.00
_cell.angle_beta   90.00
_cell.angle_gamma   90.00
#
_symmetry.space_group_name_H-M   'P 1'
#
loop_
_entity.id
_entity.type
_entity.pdbx_description
1 polymer 'RNA (440-MER)'
2 non-polymer 'MAGNESIUM ION'
#
_entity_poly.entity_id   1
_entity_poly.type   'polyribonucleotide'
_entity_poly.pdbx_seq_one_letter_code
;GGGUCAGGCCGGCUGAUAUGGAUGCAGUUCACAGACUAAAUGUCGGUCGGGGAAGAUGUAUUCUUCUCAUAAGAUAUAGU
CGGACCUCUCCUUAAUGGGAGCUAGCGGAUGAAGUGAUGCAACACUGGAGCCGCUGGGAACUAAUUUGUAUGCGAAAGUA
UAUUGAUUAGUUUUGGAGGAGGGAAAAGUUAUCAGGCAUGCACCUGGUAGCUAGUCUUUAAACCAAUAGAUUGCAUCGGU
UUAAAAGGCAAGACCGUCAAAUUGCGGGAAAGGGGUCAACAGCCGUUCAGUACCAAGUCUCAGGGGAAACUUUGAGAUGG
CCUUGCAAAGGGUAUGGUAAUAAGCUGACGGACAUGGUCCUAACCACGCAGCCAAGUCCUAAGUCAGUCGCCACAGUUUG
GGGAAAGCUGUGCAGCCUGUAACCCCCCCACGAAAGUGGG
;
_entity_poly.pdbx_strand_id   N
#
loop_
_chem_comp.id
_chem_comp.type
_chem_comp.name
_chem_comp.formula
A RNA linking ADENOSINE-5'-MONOPHOSPHATE 'C10 H14 N5 O7 P'
C RNA linking CYTIDINE-5'-MONOPHOSPHATE 'C9 H14 N3 O8 P'
G RNA linking GUANOSINE-5'-MONOPHOSPHATE 'C10 H14 N5 O8 P'
MG non-polymer 'MAGNESIUM ION' 'Mg 2'
U RNA linking URIDINE-5'-MONOPHOSPHATE 'C9 H13 N2 O9 P'
#
# COMPACT_ATOMS: atom_id res chain seq x y z
MG MG B . 10.06 -7.12 5.67
MG MG C . 13.33 0.74 12.33
MG MG D . 24.61 -6.17 3.97
MG MG E . -0.77 -19.01 0.89
MG MG F . -1.63 -15.04 -2.39
MG MG G . 3.49 -14.96 -7.93
MG MG H . -9.82 -21.54 -13.97
MG MG I . -15.46 -21.67 -7.67
MG MG J . -30.54 -11.35 -0.39
MG MG K . -35.35 -11.24 3.85
MG MG L . -2.54 13.39 -2.81
MG MG M . -5.58 23.00 -3.01
MG MG N . -12.77 -0.07 4.42
MG MG O . -3.40 -3.51 0.34
MG MG P . 3.66 5.92 5.80
MG MG Q . 3.60 7.74 11.00
MG MG R . 3.09 2.61 15.38
MG MG S . 6.03 9.54 2.50
MG MG T . 5.89 19.26 -0.57
MG MG U . 7.54 16.68 -10.37
MG MG V . -4.91 27.43 -18.13
MG MG W . 0.83 -9.10 -11.42
MG MG X . -4.04 -10.35 -20.72
MG MG Y . 6.97 -8.32 -20.63
MG MG Z . 13.43 10.80 27.80
MG MG AA . 13.57 9.37 9.03
MG MG BA . 10.72 12.97 17.03
#